data_7CZJ
#
_entry.id   7CZJ
#
_cell.length_a   40.413
_cell.length_b   79.883
_cell.length_c   92.655
_cell.angle_alpha   90.000
_cell.angle_beta   90.000
_cell.angle_gamma   90.000
#
_symmetry.space_group_name_H-M   'P 21 21 21'
#
loop_
_entity.id
_entity.type
_entity.pdbx_description
1 polymer 'Glucan 1,4-alpha-maltotetraohydrolase'
2 non-polymer 'SULFATE ION'
3 water water
#
_entity_poly.entity_id   1
_entity_poly.type   'polypeptide(L)'
_entity_poly.pdbx_seq_one_letter_code
;VNVNFRCDNGVTQMGDSVYAVGNVSQLGNWSPASAVRLTDTSSYPTWKGSIALPDGQNVEWKCLIRNEADATLVRQWQSG
GNNQVQAAAGASTSGSF
;
_entity_poly.pdbx_strand_id   A,B
#
loop_
_chem_comp.id
_chem_comp.type
_chem_comp.name
_chem_comp.formula
SO4 non-polymer 'SULFATE ION' 'O4 S -2'
#
# COMPACT_ATOMS: atom_id res chain seq x y z
N VAL A 1 -20.86 -7.31 15.32
CA VAL A 1 -20.56 -5.90 15.10
C VAL A 1 -19.46 -5.77 14.06
N ASN A 2 -19.41 -4.64 13.40
CA ASN A 2 -18.44 -4.40 12.34
C ASN A 2 -17.23 -3.64 12.86
N VAL A 3 -16.06 -4.26 12.72
CA VAL A 3 -14.81 -3.72 13.26
C VAL A 3 -13.86 -3.37 12.13
N ASN A 4 -13.27 -2.18 12.20
CA ASN A 4 -12.33 -1.74 11.18
C ASN A 4 -10.94 -2.28 11.49
N PHE A 5 -10.30 -2.90 10.50
CA PHE A 5 -8.95 -3.41 10.61
C PHE A 5 -8.05 -2.63 9.65
N ARG A 6 -6.82 -2.35 10.07
CA ARG A 6 -5.84 -1.62 9.30
C ARG A 6 -4.48 -2.27 9.47
N CYS A 7 -3.76 -2.44 8.37
CA CYS A 7 -2.38 -2.94 8.37
C CYS A 7 -1.52 -1.95 7.60
N ASP A 8 -0.56 -1.35 8.30
CA ASP A 8 0.33 -0.38 7.68
C ASP A 8 1.58 -1.05 7.10
N ASN A 9 2.17 -0.40 6.09
CA ASN A 9 3.41 -0.88 5.46
C ASN A 9 3.26 -2.27 4.85
N GLY A 10 2.08 -2.54 4.29
CA GLY A 10 1.82 -3.77 3.56
C GLY A 10 2.34 -3.71 2.14
N VAL A 11 3.67 -3.73 1.99
CA VAL A 11 4.32 -3.66 0.69
C VAL A 11 4.36 -5.08 0.14
N THR A 12 3.47 -5.37 -0.82
CA THR A 12 3.32 -6.70 -1.36
C THR A 12 3.65 -6.72 -2.84
N GLN A 13 4.02 -7.90 -3.31
CA GLN A 13 4.14 -8.14 -4.75
C GLN A 13 2.78 -8.51 -5.32
N MET A 14 2.55 -8.14 -6.58
CA MET A 14 1.36 -8.57 -7.28
C MET A 14 1.15 -10.06 -7.09
N GLY A 15 -0.08 -10.43 -6.75
CA GLY A 15 -0.43 -11.81 -6.46
C GLY A 15 -0.45 -12.16 -4.99
N ASP A 16 0.11 -11.31 -4.14
CA ASP A 16 0.06 -11.45 -2.69
C ASP A 16 -0.76 -10.30 -2.12
N SER A 17 -1.53 -10.56 -1.07
CA SER A 17 -2.34 -9.53 -0.44
C SER A 17 -2.12 -9.56 1.06
N VAL A 18 -2.65 -8.56 1.75
CA VAL A 18 -2.64 -8.51 3.21
C VAL A 18 -3.96 -9.03 3.74
N TYR A 19 -3.85 -9.88 4.78
CA TYR A 19 -4.98 -10.53 5.43
C TYR A 19 -4.90 -10.29 6.93
N ALA A 20 -6.04 -10.32 7.60
CA ALA A 20 -6.10 -10.37 9.06
C ALA A 20 -6.34 -11.80 9.50
N VAL A 21 -5.50 -12.30 10.38
CA VAL A 21 -5.60 -13.66 10.91
C VAL A 21 -5.49 -13.59 12.43
N GLY A 22 -6.24 -14.44 13.13
CA GLY A 22 -6.31 -14.24 14.56
C GLY A 22 -7.04 -15.35 15.28
N ASN A 23 -7.28 -15.12 16.57
CA ASN A 23 -7.60 -16.20 17.51
C ASN A 23 -9.09 -16.42 17.70
N VAL A 24 -9.90 -16.12 16.69
CA VAL A 24 -11.32 -16.44 16.68
C VAL A 24 -11.68 -17.02 15.31
N SER A 25 -12.83 -17.69 15.23
CA SER A 25 -13.20 -18.36 13.98
C SER A 25 -13.32 -17.37 12.83
N GLN A 26 -13.81 -16.16 13.10
CA GLN A 26 -13.98 -15.19 12.02
C GLN A 26 -12.65 -14.78 11.42
N LEU A 27 -11.56 -14.96 12.15
CA LEU A 27 -10.22 -14.64 11.65
C LEU A 27 -9.40 -15.91 11.41
N GLY A 28 -10.07 -17.05 11.29
CA GLY A 28 -9.41 -18.28 10.90
C GLY A 28 -8.78 -19.09 12.01
N ASN A 29 -8.90 -18.70 13.26
CA ASN A 29 -8.23 -19.40 14.36
C ASN A 29 -6.76 -19.64 14.02
N TRP A 30 -6.11 -18.59 13.53
CA TRP A 30 -4.70 -18.49 13.23
C TRP A 30 -4.32 -19.22 11.93
N SER A 31 -5.25 -19.77 11.18
CA SER A 31 -4.93 -20.50 9.96
C SER A 31 -4.83 -19.54 8.78
N PRO A 32 -3.69 -19.45 8.13
CA PRO A 32 -3.60 -18.57 6.93
C PRO A 32 -4.68 -18.82 5.90
N ALA A 33 -5.06 -20.07 5.66
CA ALA A 33 -6.02 -20.34 4.61
C ALA A 33 -7.41 -19.83 4.95
N SER A 34 -7.67 -19.49 6.20
CA SER A 34 -8.96 -18.94 6.60
C SER A 34 -8.84 -17.50 7.08
N ALA A 35 -7.73 -16.84 6.77
CA ALA A 35 -7.56 -15.43 7.09
C ALA A 35 -8.49 -14.59 6.22
N VAL A 36 -8.76 -13.36 6.67
CA VAL A 36 -9.68 -12.48 5.97
C VAL A 36 -8.88 -11.46 5.15
N ARG A 37 -9.09 -11.45 3.84
CA ARG A 37 -8.40 -10.49 2.99
C ARG A 37 -8.88 -9.08 3.27
N LEU A 38 -7.93 -8.15 3.42
CA LEU A 38 -8.25 -6.73 3.53
C LEU A 38 -8.50 -6.20 2.13
N THR A 39 -9.61 -5.46 1.99
CA THR A 39 -10.16 -5.15 0.67
C THR A 39 -9.80 -3.76 0.15
N ASP A 40 -9.34 -2.85 1.01
CA ASP A 40 -9.22 -1.43 0.68
C ASP A 40 -7.75 -1.05 0.68
N THR A 41 -7.21 -0.79 -0.52
CA THR A 41 -5.85 -0.32 -0.72
C THR A 41 -5.83 1.10 -1.26
N SER A 42 -6.88 1.88 -0.94
CA SER A 42 -6.97 3.27 -1.40
C SER A 42 -5.97 4.20 -0.76
N SER A 43 -5.25 3.77 0.28
CA SER A 43 -4.15 4.52 0.87
C SER A 43 -2.89 3.65 0.93
N TYR A 44 -2.52 3.10 -0.22
CA TYR A 44 -1.43 2.11 -0.28
C TYR A 44 -0.15 2.73 0.24
N PRO A 45 0.66 2.00 1.03
CA PRO A 45 0.62 0.58 1.38
C PRO A 45 -0.13 0.23 2.65
N THR A 46 -1.04 1.10 3.08
CA THR A 46 -1.97 0.72 4.14
C THR A 46 -3.09 -0.11 3.51
N TRP A 47 -3.43 -1.24 4.14
CA TRP A 47 -4.55 -2.07 3.75
C TRP A 47 -5.61 -1.98 4.84
N LYS A 48 -6.87 -1.87 4.45
CA LYS A 48 -7.96 -1.76 5.40
C LYS A 48 -9.10 -2.69 5.06
N GLY A 49 -9.87 -3.07 6.08
CA GLY A 49 -11.08 -3.85 5.86
C GLY A 49 -12.02 -3.71 7.03
N SER A 50 -13.26 -4.12 6.79
CA SER A 50 -14.29 -4.21 7.82
C SER A 50 -14.60 -5.67 8.05
N ILE A 51 -14.56 -6.10 9.30
CA ILE A 51 -14.72 -7.51 9.64
C ILE A 51 -15.76 -7.64 10.73
N ALA A 52 -16.74 -8.48 10.51
CA ALA A 52 -17.77 -8.73 11.50
C ALA A 52 -17.26 -9.66 12.59
N LEU A 53 -17.46 -9.26 13.84
CA LEU A 53 -17.01 -10.02 15.00
C LEU A 53 -18.09 -10.01 16.07
N PRO A 54 -18.12 -11.01 16.95
CA PRO A 54 -19.14 -11.01 18.02
C PRO A 54 -18.95 -9.84 18.98
N ASP A 55 -20.05 -9.16 19.29
CA ASP A 55 -19.99 -8.00 20.16
C ASP A 55 -19.34 -8.34 21.49
N GLY A 56 -18.39 -7.52 21.89
CA GLY A 56 -17.74 -7.66 23.17
C GLY A 56 -16.60 -8.65 23.23
N GLN A 57 -16.33 -9.39 22.16
CA GLN A 57 -15.29 -10.40 22.22
C GLN A 57 -13.91 -9.77 22.13
N ASN A 58 -13.01 -10.21 23.00
CA ASN A 58 -11.61 -9.80 22.92
C ASN A 58 -10.88 -10.68 21.92
N VAL A 59 -10.22 -10.05 20.96
CA VAL A 59 -9.60 -10.74 19.84
C VAL A 59 -8.15 -10.35 19.76
N GLU A 60 -7.30 -11.32 19.42
CA GLU A 60 -5.88 -11.10 19.13
C GLU A 60 -5.63 -11.49 17.69
N TRP A 61 -4.81 -10.72 16.98
CA TRP A 61 -4.65 -10.95 15.56
C TRP A 61 -3.31 -10.41 15.08
N LYS A 62 -2.97 -10.80 13.85
CA LYS A 62 -1.78 -10.31 13.17
C LYS A 62 -2.09 -9.98 11.73
N CYS A 63 -1.38 -8.98 11.19
CA CYS A 63 -1.35 -8.76 9.75
C CYS A 63 -0.50 -9.85 9.12
N LEU A 64 -0.91 -10.28 7.93
CA LEU A 64 -0.30 -11.42 7.24
C LEU A 64 -0.23 -11.10 5.76
N ILE A 65 0.97 -11.17 5.18
CA ILE A 65 1.09 -11.14 3.72
C ILE A 65 1.07 -12.58 3.25
N ARG A 66 0.10 -12.90 2.38
CA ARG A 66 -0.17 -14.26 1.97
C ARG A 66 -0.44 -14.27 0.47
N ASN A 67 -0.06 -15.37 -0.18
CA ASN A 67 -0.40 -15.52 -1.58
C ASN A 67 -1.90 -15.61 -1.76
N GLU A 68 -2.41 -15.02 -2.83
CA GLU A 68 -3.84 -15.10 -3.09
C GLU A 68 -4.24 -16.49 -3.60
N ALA A 69 -3.48 -17.04 -4.54
CA ALA A 69 -3.90 -18.27 -5.22
C ALA A 69 -3.67 -19.50 -4.34
N ASP A 70 -2.52 -19.57 -3.68
CA ASP A 70 -2.16 -20.68 -2.81
C ASP A 70 -2.41 -20.20 -1.38
N ALA A 71 -3.56 -20.61 -0.81
CA ALA A 71 -4.04 -20.08 0.45
C ALA A 71 -3.19 -20.53 1.64
N THR A 72 -2.24 -21.44 1.45
CA THR A 72 -1.35 -21.89 2.49
C THR A 72 -0.01 -21.17 2.47
N LEU A 73 0.25 -20.33 1.45
CA LEU A 73 1.58 -19.82 1.17
C LEU A 73 1.75 -18.44 1.79
N VAL A 74 2.41 -18.40 2.93
CA VAL A 74 2.64 -17.18 3.68
C VAL A 74 3.92 -16.55 3.20
N ARG A 75 3.90 -15.24 2.98
CA ARG A 75 5.11 -14.49 2.70
C ARG A 75 5.72 -13.85 3.94
N GLN A 76 4.89 -13.32 4.86
CA GLN A 76 5.40 -12.59 6.01
C GLN A 76 4.32 -12.47 7.06
N TRP A 77 4.67 -12.79 8.29
CA TRP A 77 3.84 -12.47 9.46
C TRP A 77 4.31 -11.14 10.04
N GLN A 78 3.38 -10.27 10.41
CA GLN A 78 3.72 -9.15 11.26
C GLN A 78 4.46 -9.66 12.50
N SER A 79 5.57 -9.01 12.83
CA SER A 79 6.40 -9.39 13.98
C SER A 79 5.86 -8.79 15.27
N GLY A 80 6.44 -9.21 16.39
CA GLY A 80 6.10 -8.59 17.65
C GLY A 80 4.80 -9.09 18.25
N GLY A 81 4.28 -8.31 19.18
CA GLY A 81 3.10 -8.72 19.91
C GLY A 81 1.84 -8.63 19.07
N ASN A 82 0.90 -9.51 19.37
CA ASN A 82 -0.36 -9.53 18.67
C ASN A 82 -1.06 -8.18 18.77
N ASN A 83 -1.77 -7.82 17.71
CA ASN A 83 -2.72 -6.73 17.81
C ASN A 83 -3.91 -7.18 18.65
N GLN A 84 -4.51 -6.24 19.38
CA GLN A 84 -5.58 -6.57 20.30
C GLN A 84 -6.75 -5.62 20.08
N VAL A 85 -7.97 -6.17 20.04
CA VAL A 85 -9.17 -5.36 19.94
C VAL A 85 -10.28 -6.04 20.73
N GLN A 86 -11.14 -5.24 21.37
CA GLN A 86 -12.40 -5.74 21.91
C GLN A 86 -13.49 -5.32 20.92
N ALA A 87 -14.13 -6.28 20.30
CA ALA A 87 -15.12 -5.98 19.28
C ALA A 87 -16.24 -5.16 19.88
N ALA A 88 -16.65 -4.13 19.17
CA ALA A 88 -17.76 -3.28 19.55
C ALA A 88 -18.12 -2.44 18.34
N ALA A 89 -19.33 -1.88 18.36
CA ALA A 89 -19.73 -0.96 17.30
C ALA A 89 -18.71 0.17 17.20
N GLY A 90 -18.27 0.44 15.98
CA GLY A 90 -17.31 1.50 15.75
C GLY A 90 -15.88 1.20 16.13
N ALA A 91 -15.59 -0.02 16.58
CA ALA A 91 -14.23 -0.36 16.98
C ALA A 91 -13.26 -0.35 15.80
N SER A 92 -12.00 -0.06 16.10
CA SER A 92 -10.94 0.04 15.12
C SER A 92 -9.68 -0.57 15.72
N THR A 93 -8.92 -1.28 14.89
CA THR A 93 -7.70 -1.95 15.33
C THR A 93 -6.68 -1.95 14.21
N SER A 94 -5.40 -1.94 14.58
CA SER A 94 -4.37 -1.75 13.59
C SER A 94 -3.12 -2.54 13.95
N GLY A 95 -2.38 -2.90 12.91
CA GLY A 95 -1.04 -3.43 13.06
C GLY A 95 -0.16 -2.88 11.97
N SER A 96 1.15 -3.18 12.06
CA SER A 96 2.09 -2.67 11.07
C SER A 96 3.17 -3.69 10.79
N PHE A 97 3.59 -3.78 9.53
CA PHE A 97 4.79 -4.53 9.20
C PHE A 97 6.02 -3.66 9.45
N VAL B 1 -0.35 7.74 -24.20
CA VAL B 1 -0.64 9.14 -23.94
C VAL B 1 0.34 9.60 -22.85
N ASN B 2 0.89 10.82 -22.95
CA ASN B 2 1.90 11.28 -21.99
C ASN B 2 1.26 12.09 -20.89
N VAL B 3 1.46 11.64 -19.66
CA VAL B 3 0.85 12.24 -18.47
C VAL B 3 1.95 12.83 -17.60
N ASN B 4 1.71 14.05 -17.12
CA ASN B 4 2.67 14.78 -16.30
C ASN B 4 2.45 14.38 -14.84
N PHE B 5 3.51 13.91 -14.20
CA PHE B 5 3.54 13.53 -12.79
C PHE B 5 4.36 14.53 -12.00
N ARG B 6 3.90 14.86 -10.80
CA ARG B 6 4.58 15.83 -9.94
C ARG B 6 4.49 15.33 -8.50
N CYS B 7 5.62 15.41 -7.79
CA CYS B 7 5.70 15.08 -6.37
C CYS B 7 6.31 16.27 -5.64
N ASP B 8 5.53 16.89 -4.76
CA ASP B 8 5.95 18.08 -4.04
C ASP B 8 6.60 17.71 -2.71
N ASN B 9 7.49 18.61 -2.26
CA ASN B 9 8.18 18.46 -0.99
C ASN B 9 9.05 17.19 -0.91
N GLY B 10 9.70 16.84 -2.01
CA GLY B 10 10.57 15.68 -2.05
C GLY B 10 11.97 16.02 -1.58
N VAL B 11 12.14 16.16 -0.26
CA VAL B 11 13.42 16.57 0.30
C VAL B 11 14.21 15.29 0.59
N THR B 12 15.06 14.90 -0.37
CA THR B 12 15.78 13.65 -0.26
C THR B 12 17.24 13.85 0.10
N GLN B 13 17.84 12.78 0.63
CA GLN B 13 19.27 12.71 0.82
C GLN B 13 19.98 12.31 -0.47
N MET B 14 21.27 12.63 -0.55
CA MET B 14 22.09 12.20 -1.67
C MET B 14 22.00 10.69 -1.82
N GLY B 15 21.80 10.26 -3.06
CA GLY B 15 21.67 8.86 -3.36
C GLY B 15 20.24 8.35 -3.42
N ASP B 16 19.30 9.13 -2.90
CA ASP B 16 17.88 8.81 -2.93
C ASP B 16 17.17 9.73 -3.92
N SER B 17 16.16 9.21 -4.59
CA SER B 17 15.40 10.00 -5.54
C SER B 17 13.92 9.78 -5.26
N VAL B 18 13.09 10.60 -5.90
CA VAL B 18 11.64 10.44 -5.85
C VAL B 18 11.19 9.68 -7.08
N TYR B 19 10.27 8.72 -6.85
CA TYR B 19 9.71 7.85 -7.87
C TYR B 19 8.19 7.90 -7.82
N ALA B 20 7.58 7.63 -8.95
CA ALA B 20 6.14 7.35 -9.03
C ALA B 20 5.97 5.83 -9.07
N VAL B 21 5.19 5.30 -8.13
CA VAL B 21 4.89 3.86 -8.07
C VAL B 21 3.37 3.72 -8.00
N GLY B 22 2.81 2.71 -8.65
CA GLY B 22 1.36 2.66 -8.71
C GLY B 22 0.83 1.36 -9.27
N ASN B 23 -0.49 1.36 -9.50
CA ASN B 23 -1.24 0.11 -9.68
C ASN B 23 -1.35 -0.34 -11.11
N VAL B 24 -0.43 0.08 -11.96
CA VAL B 24 -0.37 -0.36 -13.35
C VAL B 24 1.07 -0.76 -13.65
N SER B 25 1.24 -1.58 -14.69
CA SER B 25 2.58 -2.06 -15.01
C SER B 25 3.55 -0.93 -15.31
N GLN B 26 3.07 0.14 -15.95
CA GLN B 26 3.93 1.27 -16.28
C GLN B 26 4.48 1.95 -15.04
N LEU B 27 3.87 1.73 -13.87
CA LEU B 27 4.35 2.30 -12.60
C LEU B 27 4.76 1.20 -11.63
N GLY B 28 5.02 0.00 -12.13
CA GLY B 28 5.62 -1.05 -11.33
C GLY B 28 4.69 -1.96 -10.58
N ASN B 29 3.37 -1.84 -10.77
CA ASN B 29 2.42 -2.63 -10.01
C ASN B 29 2.75 -2.67 -8.52
N TRP B 30 2.97 -1.46 -7.99
CA TRP B 30 3.25 -1.16 -6.59
C TRP B 30 4.63 -1.61 -6.11
N SER B 31 5.46 -2.15 -6.98
CA SER B 31 6.78 -2.64 -6.59
C SER B 31 7.81 -1.52 -6.63
N PRO B 32 8.44 -1.16 -5.51
CA PRO B 32 9.45 -0.10 -5.54
C PRO B 32 10.53 -0.29 -6.59
N ALA B 33 11.00 -1.53 -6.79
CA ALA B 33 12.08 -1.76 -7.74
C ALA B 33 11.68 -1.48 -9.17
N SER B 34 10.38 -1.41 -9.46
CA SER B 34 9.90 -1.13 -10.79
C SER B 34 9.24 0.24 -10.88
N ALA B 35 9.40 1.07 -9.87
CA ALA B 35 8.84 2.41 -9.92
C ALA B 35 9.62 3.27 -10.91
N VAL B 36 9.00 4.38 -11.32
CA VAL B 36 9.55 5.28 -12.33
C VAL B 36 10.21 6.47 -11.65
N ARG B 37 11.52 6.64 -11.89
CA ARG B 37 12.21 7.79 -11.31
C ARG B 37 11.73 9.06 -11.99
N LEU B 38 11.40 10.06 -11.18
CA LEU B 38 11.08 11.40 -11.69
C LEU B 38 12.40 12.12 -11.92
N THR B 39 12.61 12.59 -13.14
CA THR B 39 13.92 13.03 -13.58
C THR B 39 14.11 14.55 -13.54
N ASP B 40 13.05 15.32 -13.38
CA ASP B 40 13.07 16.77 -13.54
C ASP B 40 13.00 17.39 -12.14
N THR B 41 14.14 17.91 -11.67
CA THR B 41 14.21 18.63 -10.40
C THR B 41 14.47 20.12 -10.63
N SER B 42 13.98 20.66 -11.73
CA SER B 42 14.17 22.07 -12.08
C SER B 42 13.39 23.02 -11.20
N SER B 43 12.47 22.53 -10.36
CA SER B 43 11.75 23.34 -9.38
C SER B 43 11.84 22.66 -8.01
N TYR B 44 13.07 22.43 -7.55
CA TYR B 44 13.27 21.68 -6.33
C TYR B 44 12.60 22.37 -5.15
N PRO B 45 11.96 21.62 -4.22
CA PRO B 45 11.94 20.17 -4.05
C PRO B 45 10.75 19.47 -4.71
N THR B 46 10.20 20.05 -5.75
CA THR B 46 9.26 19.32 -6.58
C THR B 46 10.02 18.47 -7.59
N TRP B 47 9.59 17.23 -7.75
CA TRP B 47 10.14 16.30 -8.73
C TRP B 47 9.05 16.05 -9.78
N LYS B 48 9.45 16.06 -11.03
CA LYS B 48 8.50 15.92 -12.13
C LYS B 48 9.00 14.90 -13.14
N GLY B 49 8.03 14.33 -13.87
CA GLY B 49 8.33 13.48 -15.00
C GLY B 49 7.11 13.28 -15.87
N SER B 50 7.36 12.90 -17.11
CA SER B 50 6.29 12.62 -18.07
C SER B 50 6.31 11.12 -18.32
N ILE B 51 5.17 10.46 -18.14
CA ILE B 51 5.09 9.00 -18.19
C ILE B 51 4.01 8.62 -19.19
N ALA B 52 4.35 7.69 -20.09
CA ALA B 52 3.38 7.20 -21.07
C ALA B 52 2.46 6.17 -20.44
N LEU B 53 1.15 6.38 -20.62
CA LEU B 53 0.11 5.53 -20.09
C LEU B 53 -0.96 5.34 -21.15
N PRO B 54 -1.67 4.22 -21.12
CA PRO B 54 -2.74 4.02 -22.11
C PRO B 54 -3.85 5.03 -21.92
N ASP B 55 -4.33 5.62 -23.03
CA ASP B 55 -5.43 6.55 -22.97
C ASP B 55 -6.63 5.89 -22.30
N GLY B 56 -7.17 6.55 -21.29
CA GLY B 56 -8.31 6.05 -20.55
C GLY B 56 -7.98 5.28 -19.28
N GLN B 57 -6.72 4.93 -19.05
CA GLN B 57 -6.37 4.07 -17.92
C GLN B 57 -6.66 4.76 -16.59
N ASN B 58 -7.19 3.99 -15.65
CA ASN B 58 -7.41 4.46 -14.28
C ASN B 58 -6.16 4.15 -13.47
N VAL B 59 -5.38 5.18 -13.14
CA VAL B 59 -4.08 5.00 -12.50
C VAL B 59 -4.12 5.57 -11.09
N GLU B 60 -3.85 4.71 -10.11
CA GLU B 60 -3.63 5.13 -8.73
C GLU B 60 -2.16 4.96 -8.39
N TRP B 61 -1.60 5.91 -7.65
CA TRP B 61 -0.16 5.93 -7.47
C TRP B 61 0.21 6.70 -6.20
N LYS B 62 1.47 6.53 -5.79
CA LYS B 62 2.04 7.26 -4.66
C LYS B 62 3.42 7.79 -5.04
N CYS B 63 3.79 8.93 -4.47
CA CYS B 63 5.18 9.37 -4.49
C CYS B 63 5.98 8.52 -3.52
N LEU B 64 7.22 8.20 -3.90
CA LEU B 64 8.05 7.27 -3.17
C LEU B 64 9.47 7.81 -3.13
N ILE B 65 10.05 7.98 -1.94
CA ILE B 65 11.48 8.23 -1.84
C ILE B 65 12.18 6.88 -1.72
N ARG B 66 13.07 6.59 -2.65
CA ARG B 66 13.70 5.30 -2.76
C ARG B 66 15.17 5.50 -3.05
N ASN B 67 15.99 4.59 -2.54
CA ASN B 67 17.41 4.62 -2.87
C ASN B 67 17.57 4.33 -4.36
N GLU B 68 18.53 5.00 -4.99
CA GLU B 68 18.77 4.79 -6.41
C GLU B 68 19.49 3.47 -6.65
N ALA B 69 20.55 3.20 -5.90
CA ALA B 69 21.41 2.06 -6.19
C ALA B 69 20.76 0.74 -5.77
N ASP B 70 20.18 0.70 -4.57
CA ASP B 70 19.48 -0.47 -4.05
C ASP B 70 17.99 -0.25 -4.30
N ALA B 71 17.47 -0.88 -5.35
CA ALA B 71 16.14 -0.57 -5.86
C ALA B 71 15.02 -1.10 -4.98
N THR B 72 15.32 -1.90 -3.96
CA THR B 72 14.32 -2.37 -3.02
C THR B 72 14.27 -1.57 -1.74
N LEU B 73 15.17 -0.59 -1.57
CA LEU B 73 15.34 0.12 -0.31
C LEU B 73 14.49 1.38 -0.35
N VAL B 74 13.35 1.34 0.32
CA VAL B 74 12.43 2.46 0.39
C VAL B 74 12.80 3.34 1.58
N ARG B 75 12.82 4.65 1.37
CA ARG B 75 12.97 5.57 2.48
C ARG B 75 11.63 6.07 3.02
N GLN B 76 10.66 6.34 2.14
CA GLN B 76 9.41 6.92 2.59
C GLN B 76 8.37 6.78 1.51
N TRP B 77 7.19 6.30 1.91
CA TRP B 77 6.00 6.36 1.07
C TRP B 77 5.23 7.63 1.39
N GLN B 78 4.75 8.32 0.37
CA GLN B 78 3.72 9.34 0.58
C GLN B 78 2.57 8.73 1.36
N SER B 79 2.14 9.43 2.41
CA SER B 79 1.04 8.95 3.24
C SER B 79 -0.30 9.42 2.68
N GLY B 80 -1.38 8.92 3.28
CA GLY B 80 -2.70 9.32 2.87
C GLY B 80 -3.25 8.56 1.67
N GLY B 81 -4.29 9.14 1.09
CA GLY B 81 -4.95 8.52 -0.03
C GLY B 81 -4.11 8.53 -1.29
N ASN B 82 -4.32 7.49 -2.10
CA ASN B 82 -3.61 7.39 -3.36
C ASN B 82 -3.87 8.61 -4.23
N ASN B 83 -2.85 9.02 -4.96
CA ASN B 83 -3.06 9.93 -6.07
C ASN B 83 -3.77 9.16 -7.18
N GLN B 84 -4.56 9.87 -7.99
CA GLN B 84 -5.32 9.20 -9.03
C GLN B 84 -5.41 10.09 -10.26
N VAL B 85 -5.26 9.47 -11.42
CA VAL B 85 -5.44 10.16 -12.69
C VAL B 85 -6.11 9.20 -13.66
N GLN B 86 -7.04 9.74 -14.44
CA GLN B 86 -7.59 9.03 -15.59
C GLN B 86 -6.75 9.45 -16.78
N ALA B 87 -5.88 8.56 -17.25
CA ALA B 87 -4.89 8.99 -18.22
C ALA B 87 -5.57 9.55 -19.46
N ALA B 88 -5.01 10.66 -19.97
CA ALA B 88 -5.51 11.30 -21.17
C ALA B 88 -4.42 12.23 -21.66
N ALA B 89 -4.50 12.58 -22.93
CA ALA B 89 -3.59 13.58 -23.47
C ALA B 89 -3.76 14.86 -22.69
N GLY B 90 -2.64 15.46 -22.30
CA GLY B 90 -2.65 16.67 -21.52
C GLY B 90 -2.94 16.50 -20.05
N ALA B 91 -3.10 15.28 -19.54
CA ALA B 91 -3.44 15.13 -18.14
C ALA B 91 -2.22 15.36 -17.27
N SER B 92 -2.48 15.81 -16.03
CA SER B 92 -1.46 16.01 -15.02
C SER B 92 -1.96 15.43 -13.70
N THR B 93 -1.02 14.97 -12.88
CA THR B 93 -1.33 14.36 -11.60
C THR B 93 -0.23 14.67 -10.60
N SER B 94 -0.62 14.82 -9.34
CA SER B 94 0.35 15.21 -8.33
C SER B 94 0.12 14.52 -7.01
N GLY B 95 1.21 14.40 -6.25
CA GLY B 95 1.15 14.08 -4.84
C GLY B 95 2.15 14.93 -4.08
N SER B 96 2.16 14.76 -2.76
CA SER B 96 3.03 15.55 -1.92
C SER B 96 3.43 14.76 -0.70
N PHE B 97 4.67 14.98 -0.26
CA PHE B 97 5.10 14.49 1.04
C PHE B 97 4.74 15.49 2.15
S SO4 C . -23.33 -9.29 17.15
O1 SO4 C . -24.71 -9.33 17.61
O2 SO4 C . -23.24 -9.93 15.84
O3 SO4 C . -22.91 -7.90 17.03
O4 SO4 C . -22.49 -10.03 18.07
S SO4 D . -2.45 5.49 -26.46
O1 SO4 D . -3.21 4.54 -25.61
O2 SO4 D . -3.08 5.56 -27.78
O3 SO4 D . -2.47 6.82 -25.87
O4 SO4 D . -1.08 5.01 -26.58
#